data_6VVN
#
_entry.id   6VVN
#
_cell.length_a   48.196
_cell.length_b   69.448
_cell.length_c   93.788
_cell.angle_alpha   90.000
_cell.angle_beta   90.000
_cell.angle_gamma   90.000
#
_symmetry.space_group_name_H-M   'P 21 21 21'
#
loop_
_entity.id
_entity.type
_entity.pdbx_description
1 polymer '4-oxalocrotonate tautomerase'
2 non-polymer GLYCEROL
3 water water
#
_entity_poly.entity_id   1
_entity_poly.type   'polypeptide(L)'
_entity_poly.pdbx_seq_one_letter_code
;PTLEVYLPQGHAVERKASLIQGLTQATVDAIGAPAESVRILLSELPATNIGLGGTLTPSALPVIIAILIAGRTDAQKKAL
IAQLSETIAAVLDAPLQSTRVMIKDIPNTDFGIGGQTARALGR
;
_entity_poly.pdbx_strand_id   B,A,C
#
loop_
_chem_comp.id
_chem_comp.type
_chem_comp.name
_chem_comp.formula
GOL non-polymer GLYCEROL 'C3 H8 O3'
#
# COMPACT_ATOMS: atom_id res chain seq x y z
N PRO A 1 -10.77 7.40 -7.50
CA PRO A 1 -9.43 7.51 -6.88
C PRO A 1 -9.43 6.94 -5.47
N THR A 2 -8.30 6.36 -5.04
CA THR A 2 -8.23 5.74 -3.72
C THR A 2 -6.95 6.25 -3.10
N LEU A 3 -7.06 6.98 -2.00
CA LEU A 3 -5.89 7.57 -1.34
C LEU A 3 -5.65 6.83 -0.04
N GLU A 4 -4.41 6.36 0.17
CA GLU A 4 -4.02 5.82 1.47
C GLU A 4 -3.07 6.83 2.08
N VAL A 5 -3.38 7.28 3.28
CA VAL A 5 -2.62 8.36 3.93
C VAL A 5 -2.07 7.81 5.23
N TYR A 6 -0.75 7.72 5.33
CA TYR A 6 -0.10 7.32 6.56
C TYR A 6 0.13 8.53 7.45
N LEU A 7 -0.32 8.41 8.69
CA LEU A 7 -0.38 9.49 9.67
C LEU A 7 0.07 8.97 11.02
N PRO A 8 0.65 9.82 11.87
CA PRO A 8 0.83 9.45 13.27
C PRO A 8 -0.52 9.42 13.96
N GLN A 9 -0.55 8.80 15.14
CA GLN A 9 -1.76 8.85 15.96
C GLN A 9 -1.89 10.24 16.57
N GLY A 10 -3.11 10.56 17.01
CA GLY A 10 -3.31 11.74 17.82
C GLY A 10 -4.05 12.88 17.17
N HIS A 11 -4.27 12.85 15.86
CA HIS A 11 -5.03 13.93 15.23
C HIS A 11 -6.48 13.77 15.61
N ALA A 12 -7.14 14.87 15.94
CA ALA A 12 -8.52 14.78 16.40
C ALA A 12 -9.44 14.24 15.31
N VAL A 13 -10.54 13.63 15.75
CA VAL A 13 -11.57 13.15 14.83
C VAL A 13 -12.01 14.27 13.87
N GLU A 14 -12.19 15.50 14.38
CA GLU A 14 -12.61 16.55 13.44
C GLU A 14 -11.55 16.89 12.41
N ARG A 15 -10.26 16.77 12.79
CA ARG A 15 -9.19 17.07 11.84
C ARG A 15 -9.11 16.00 10.77
N LYS A 16 -9.34 14.74 11.15
CA LYS A 16 -9.37 13.67 10.17
C LYS A 16 -10.57 13.82 9.25
N ALA A 17 -11.72 14.20 9.80
CA ALA A 17 -12.86 14.48 8.94
C ALA A 17 -12.58 15.63 7.98
N SER A 18 -11.96 16.72 8.48
CA SER A 18 -11.61 17.85 7.62
C SER A 18 -10.60 17.43 6.57
N LEU A 19 -9.66 16.56 6.94
CA LEU A 19 -8.68 16.08 5.97
C LEU A 19 -9.35 15.26 4.87
N ILE A 20 -10.30 14.40 5.24
CA ILE A 20 -11.06 13.64 4.25
C ILE A 20 -11.81 14.58 3.30
N GLN A 21 -12.44 15.62 3.84
CA GLN A 21 -13.14 16.59 2.99
C GLN A 21 -12.15 17.30 2.05
N GLY A 22 -11.06 17.80 2.62
CA GLY A 22 -10.12 18.57 1.81
C GLY A 22 -9.37 17.76 0.77
N LEU A 23 -8.92 16.55 1.12
CA LEU A 23 -8.22 15.76 0.10
C LEU A 23 -9.17 15.31 -1.01
N THR A 24 -10.44 15.07 -0.67
CA THR A 24 -11.43 14.77 -1.72
C THR A 24 -11.60 15.97 -2.66
N GLN A 25 -11.71 17.18 -2.09
CA GLN A 25 -11.84 18.37 -2.91
C GLN A 25 -10.64 18.58 -3.80
N ALA A 26 -9.44 18.38 -3.26
CA ALA A 26 -8.25 18.53 -4.07
C ALA A 26 -8.24 17.57 -5.25
N THR A 27 -8.75 16.34 -5.02
CA THR A 27 -8.76 15.35 -6.07
C THR A 27 -9.77 15.73 -7.14
N VAL A 28 -10.96 16.19 -6.75
CA VAL A 28 -11.94 16.70 -7.71
C VAL A 28 -11.32 17.82 -8.54
N ASP A 29 -10.70 18.77 -7.85
CA ASP A 29 -10.13 19.94 -8.53
C ASP A 29 -9.00 19.57 -9.47
N ALA A 30 -8.08 18.73 -9.03
CA ALA A 30 -6.88 18.50 -9.80
C ALA A 30 -7.10 17.57 -10.98
N ILE A 31 -7.96 16.55 -10.84
CA ILE A 31 -8.04 15.50 -11.83
C ILE A 31 -9.45 15.24 -12.35
N GLY A 32 -10.45 15.99 -11.88
CA GLY A 32 -11.75 15.85 -12.52
C GLY A 32 -12.49 14.61 -12.12
N ALA A 33 -12.16 14.02 -10.95
CA ALA A 33 -12.90 12.85 -10.50
C ALA A 33 -14.12 13.31 -9.70
N PRO A 34 -15.32 12.80 -9.96
CA PRO A 34 -16.46 13.13 -9.09
C PRO A 34 -16.17 12.78 -7.63
N ALA A 35 -16.65 13.62 -6.72
CA ALA A 35 -16.31 13.46 -5.30
C ALA A 35 -16.71 12.07 -4.81
N GLU A 36 -17.86 11.57 -5.25
CA GLU A 36 -18.35 10.30 -4.72
C GLU A 36 -17.42 9.13 -5.07
N SER A 37 -16.56 9.29 -6.08
CA SER A 37 -15.62 8.24 -6.48
C SER A 37 -14.35 8.22 -5.65
N VAL A 38 -14.14 9.19 -4.77
CA VAL A 38 -12.87 9.29 -4.06
C VAL A 38 -13.02 8.56 -2.72
N ARG A 39 -12.20 7.54 -2.52
CA ARG A 39 -12.15 6.77 -1.29
C ARG A 39 -10.84 7.15 -0.59
N ILE A 40 -10.92 7.39 0.72
CA ILE A 40 -9.73 7.75 1.49
C ILE A 40 -9.56 6.77 2.65
N LEU A 41 -8.35 6.24 2.79
CA LEU A 41 -7.99 5.29 3.84
C LEU A 41 -6.89 5.92 4.68
N LEU A 42 -7.21 6.46 5.84
CA LEU A 42 -6.17 6.99 6.72
C LEU A 42 -5.64 5.83 7.54
N SER A 43 -4.34 5.61 7.48
CA SER A 43 -3.65 4.55 8.24
C SER A 43 -2.79 5.18 9.32
N GLU A 44 -3.29 5.22 10.56
CA GLU A 44 -2.50 5.74 11.68
C GLU A 44 -1.49 4.69 12.12
N LEU A 45 -0.29 5.15 12.45
CA LEU A 45 0.75 4.27 12.95
C LEU A 45 1.20 4.75 14.33
N PRO A 46 1.46 3.84 15.27
CA PRO A 46 1.99 4.26 16.57
C PRO A 46 3.39 4.84 16.44
N ALA A 47 3.75 5.66 17.44
CA ALA A 47 5.01 6.38 17.39
C ALA A 47 6.23 5.47 17.36
N THR A 48 6.11 4.26 17.93
CA THR A 48 7.17 3.26 17.95
C THR A 48 7.43 2.65 16.58
N ASN A 49 6.62 3.00 15.59
CA ASN A 49 6.57 2.30 14.31
C ASN A 49 6.95 3.20 13.14
N ILE A 50 7.38 4.44 13.39
CA ILE A 50 7.56 5.42 12.33
C ILE A 50 9.00 5.95 12.41
N GLY A 51 9.76 5.76 11.35
CA GLY A 51 11.14 6.20 11.31
C GLY A 51 11.46 7.12 10.15
N LEU A 52 12.33 8.09 10.39
CA LEU A 52 12.93 8.92 9.35
C LEU A 52 14.41 9.01 9.67
N GLY A 53 15.27 8.72 8.71
CA GLY A 53 16.70 8.77 9.01
C GLY A 53 17.14 7.75 10.02
N GLY A 54 16.36 6.71 10.23
CA GLY A 54 16.75 5.65 11.13
C GLY A 54 16.31 5.82 12.55
N THR A 55 15.66 6.93 12.88
CA THR A 55 15.21 7.17 14.24
C THR A 55 13.71 7.45 14.24
N LEU A 56 13.11 7.29 15.41
CA LEU A 56 11.67 7.47 15.53
C LEU A 56 11.29 8.94 15.48
N THR A 57 10.30 9.27 14.63
CA THR A 57 9.77 10.63 14.62
C THR A 57 8.53 10.69 13.75
N PRO A 58 7.50 11.42 14.17
CA PRO A 58 6.33 11.62 13.30
C PRO A 58 6.66 12.45 12.06
N SER A 59 7.83 13.08 12.01
CA SER A 59 8.24 13.85 10.82
C SER A 59 8.47 12.98 9.60
N ALA A 60 8.45 11.66 9.75
CA ALA A 60 8.44 10.79 8.57
C ALA A 60 7.15 10.90 7.77
N LEU A 61 6.14 11.53 8.32
CA LEU A 61 4.80 11.53 7.76
C LEU A 61 4.37 12.97 7.60
N PRO A 62 3.34 13.25 6.80
CA PRO A 62 2.44 12.33 6.10
C PRO A 62 2.92 11.89 4.73
N VAL A 63 2.54 10.66 4.40
CA VAL A 63 2.77 10.07 3.09
C VAL A 63 1.40 9.76 2.53
N ILE A 64 1.13 10.19 1.30
CA ILE A 64 -0.12 9.92 0.58
C ILE A 64 0.19 9.04 -0.63
N ILE A 65 -0.41 7.86 -0.68
CA ILE A 65 -0.39 7.01 -1.87
C ILE A 65 -1.70 7.25 -2.60
N ALA A 66 -1.64 7.65 -3.85
CA ALA A 66 -2.84 7.96 -4.62
C ALA A 66 -2.94 6.96 -5.76
N ILE A 67 -3.91 6.05 -5.64
CA ILE A 67 -4.16 5.03 -6.65
C ILE A 67 -5.16 5.54 -7.67
N LEU A 68 -4.71 5.63 -8.92
CA LEU A 68 -5.55 6.11 -10.01
C LEU A 68 -5.60 5.10 -11.13
N ILE A 69 -6.75 5.01 -11.81
CA ILE A 69 -6.75 4.31 -13.09
C ILE A 69 -5.88 5.12 -14.04
N ALA A 70 -5.01 4.45 -14.79
CA ALA A 70 -4.14 5.14 -15.72
C ALA A 70 -4.93 6.01 -16.68
N GLY A 71 -4.32 7.12 -17.09
CA GLY A 71 -4.94 7.94 -18.11
C GLY A 71 -4.77 9.42 -17.84
N ARG A 72 -4.64 9.81 -16.57
CA ARG A 72 -4.38 11.22 -16.27
C ARG A 72 -3.02 11.64 -16.82
N THR A 73 -2.93 12.88 -17.28
CA THR A 73 -1.68 13.34 -17.89
C THR A 73 -0.68 13.76 -16.84
N ASP A 74 0.56 13.95 -17.26
CA ASP A 74 1.58 14.44 -16.33
C ASP A 74 1.15 15.76 -15.72
N ALA A 75 0.53 16.63 -16.52
CA ALA A 75 0.07 17.91 -16.00
C ALA A 75 -0.95 17.73 -14.88
N GLN A 76 -1.94 16.84 -15.08
CA GLN A 76 -2.94 16.60 -14.04
C GLN A 76 -2.33 16.00 -12.79
N LYS A 77 -1.34 15.11 -12.96
CA LYS A 77 -0.69 14.48 -11.81
C LYS A 77 0.17 15.49 -11.05
N LYS A 78 0.83 16.40 -11.75
CA LYS A 78 1.56 17.49 -11.10
C LYS A 78 0.62 18.35 -10.25
N ALA A 79 -0.56 18.69 -10.79
CA ALA A 79 -1.54 19.46 -10.03
C ALA A 79 -2.02 18.68 -8.79
N LEU A 80 -2.30 17.38 -8.97
CA LEU A 80 -2.75 16.56 -7.85
C LEU A 80 -1.72 16.52 -6.73
N ILE A 81 -0.45 16.35 -7.10
CA ILE A 81 0.61 16.36 -6.11
C ILE A 81 0.65 17.69 -5.36
N ALA A 82 0.55 18.81 -6.08
CA ALA A 82 0.60 20.10 -5.42
C ALA A 82 -0.57 20.29 -4.48
N GLN A 83 -1.78 19.98 -4.94
CA GLN A 83 -2.96 20.31 -4.16
C GLN A 83 -3.15 19.35 -2.98
N LEU A 84 -2.88 18.05 -3.18
CA LEU A 84 -2.94 17.13 -2.05
C LEU A 84 -1.92 17.55 -0.98
N SER A 85 -0.72 17.94 -1.41
CA SER A 85 0.33 18.29 -0.45
C SER A 85 -0.01 19.58 0.28
N GLU A 86 -0.46 20.61 -0.44
CA GLU A 86 -0.86 21.84 0.25
C GLU A 86 -2.01 21.59 1.22
N THR A 87 -2.97 20.76 0.81
CA THR A 87 -4.14 20.50 1.64
C THR A 87 -3.74 19.79 2.93
N ILE A 88 -2.94 18.73 2.86
CA ILE A 88 -2.61 18.00 4.08
C ILE A 88 -1.71 18.86 4.97
N ALA A 89 -0.81 19.63 4.37
CA ALA A 89 0.02 20.54 5.17
C ALA A 89 -0.86 21.51 5.94
N ALA A 90 -1.85 22.10 5.27
CA ALA A 90 -2.72 23.07 5.94
C ALA A 90 -3.61 22.41 6.98
N VAL A 91 -4.28 21.32 6.62
CA VAL A 91 -5.26 20.74 7.54
C VAL A 91 -4.60 20.19 8.80
N LEU A 92 -3.44 19.53 8.64
CA LEU A 92 -2.75 18.88 9.76
C LEU A 92 -1.66 19.73 10.37
N ASP A 93 -1.45 20.92 9.85
CA ASP A 93 -0.40 21.81 10.35
C ASP A 93 0.95 21.07 10.30
N ALA A 94 1.22 20.45 9.15
CA ALA A 94 2.48 19.79 8.88
C ALA A 94 3.30 20.65 7.91
N PRO A 95 4.62 20.70 8.03
CA PRO A 95 5.40 21.47 7.06
C PRO A 95 5.23 20.90 5.66
N LEU A 96 5.07 21.79 4.69
CA LEU A 96 4.92 21.33 3.31
C LEU A 96 6.06 20.43 2.88
N GLN A 97 7.29 20.74 3.27
CA GLN A 97 8.39 19.92 2.80
C GLN A 97 8.35 18.51 3.35
N SER A 98 7.57 18.25 4.40
CA SER A 98 7.49 16.91 4.93
C SER A 98 6.50 16.03 4.19
N THR A 99 5.69 16.60 3.30
CA THR A 99 4.69 15.83 2.58
C THR A 99 5.30 15.03 1.45
N ARG A 100 4.82 13.79 1.30
CA ARG A 100 5.22 12.94 0.20
C ARG A 100 3.96 12.40 -0.46
N VAL A 101 3.96 12.34 -1.79
CA VAL A 101 2.84 11.79 -2.56
C VAL A 101 3.44 10.78 -3.52
N MET A 102 2.81 9.60 -3.61
CA MET A 102 3.22 8.62 -4.61
C MET A 102 1.98 8.21 -5.38
N ILE A 103 1.89 8.61 -6.63
CA ILE A 103 0.78 8.21 -7.48
C ILE A 103 1.11 6.85 -8.08
N LYS A 104 0.16 5.91 -7.97
CA LYS A 104 0.23 4.57 -8.58
C LYS A 104 -0.83 4.53 -9.67
N ASP A 105 -0.40 4.71 -10.92
CA ASP A 105 -1.29 4.56 -12.07
C ASP A 105 -1.48 3.06 -12.29
N ILE A 106 -2.72 2.61 -12.37
CA ILE A 106 -3.02 1.20 -12.61
C ILE A 106 -3.62 1.09 -14.01
N PRO A 107 -3.07 0.27 -14.89
CA PRO A 107 -3.66 0.12 -16.23
C PRO A 107 -5.13 -0.30 -16.13
N ASN A 108 -5.92 0.10 -17.13
CA ASN A 108 -7.36 -0.15 -17.05
C ASN A 108 -7.73 -1.61 -17.21
N THR A 109 -6.83 -2.44 -17.68
CA THR A 109 -7.00 -3.90 -17.68
C THR A 109 -6.71 -4.52 -16.31
N ASP A 110 -6.16 -3.70 -15.41
CA ASP A 110 -5.57 -4.22 -14.18
C ASP A 110 -6.32 -3.68 -12.97
N PHE A 111 -7.41 -2.95 -13.17
CA PHE A 111 -8.18 -2.33 -12.12
C PHE A 111 -9.61 -2.83 -12.22
N GLY A 112 -10.22 -3.14 -11.07
CA GLY A 112 -11.57 -3.66 -11.02
C GLY A 112 -12.47 -2.79 -10.18
N ILE A 113 -13.70 -2.62 -10.63
CA ILE A 113 -14.73 -1.98 -9.83
C ILE A 113 -15.97 -2.84 -9.97
N GLY A 114 -16.51 -3.32 -8.84
CA GLY A 114 -17.71 -4.13 -8.91
C GLY A 114 -17.56 -5.41 -9.68
N GLY A 115 -16.35 -5.91 -9.82
CA GLY A 115 -16.11 -7.16 -10.49
C GLY A 115 -15.84 -7.04 -11.97
N GLN A 116 -15.85 -5.81 -12.50
CA GLN A 116 -15.55 -5.59 -13.92
C GLN A 116 -14.30 -4.76 -14.05
N THR A 117 -13.59 -4.94 -15.15
CA THR A 117 -12.35 -4.16 -15.32
C THR A 117 -12.71 -2.72 -15.66
N ALA A 118 -11.81 -1.81 -15.29
CA ALA A 118 -11.99 -0.41 -15.67
C ALA A 118 -12.14 -0.29 -17.19
N ARG A 119 -11.38 -1.06 -17.95
CA ARG A 119 -11.53 -1.01 -19.41
C ARG A 119 -12.93 -1.44 -19.84
N ALA A 120 -13.43 -2.55 -19.27
CA ALA A 120 -14.81 -2.98 -19.58
C ALA A 120 -15.79 -1.86 -19.29
N LEU A 121 -15.56 -1.11 -18.21
CA LEU A 121 -16.46 -0.06 -17.77
C LEU A 121 -16.28 1.26 -18.51
N GLY A 122 -15.36 1.35 -19.45
CA GLY A 122 -15.23 2.60 -20.19
C GLY A 122 -14.23 3.57 -19.59
N ARG A 123 -13.45 3.12 -18.62
CA ARG A 123 -12.42 3.94 -18.00
C ARG A 123 -11.05 3.50 -18.48
N PRO B 1 -14.51 -2.55 -0.01
CA PRO B 1 -13.19 -3.21 0.18
C PRO B 1 -12.27 -2.76 -0.90
N THR B 2 -11.00 -2.66 -0.55
CA THR B 2 -9.95 -2.30 -1.50
C THR B 2 -8.91 -3.41 -1.45
N LEU B 3 -8.73 -4.12 -2.56
CA LEU B 3 -7.77 -5.22 -2.62
C LEU B 3 -6.65 -4.82 -3.56
N GLU B 4 -5.41 -5.00 -3.11
CA GLU B 4 -4.25 -4.82 -3.97
C GLU B 4 -3.57 -6.18 -4.11
N VAL B 5 -3.34 -6.62 -5.35
CA VAL B 5 -2.78 -7.94 -5.62
C VAL B 5 -1.44 -7.73 -6.31
N TYR B 6 -0.35 -8.08 -5.63
CA TYR B 6 0.97 -8.01 -6.24
C TYR B 6 1.20 -9.26 -7.10
N LEU B 7 1.55 -9.05 -8.37
CA LEU B 7 1.65 -10.11 -9.36
C LEU B 7 2.91 -9.90 -10.18
N PRO B 8 3.47 -10.97 -10.74
CA PRO B 8 4.46 -10.79 -11.80
C PRO B 8 3.78 -10.28 -13.06
N GLN B 9 4.61 -9.78 -13.98
CA GLN B 9 4.14 -9.41 -15.30
C GLN B 9 3.83 -10.66 -16.11
N GLY B 10 2.97 -10.49 -17.12
CA GLY B 10 2.78 -11.51 -18.11
C GLY B 10 1.46 -12.25 -18.09
N HIS B 11 0.59 -12.05 -17.11
CA HIS B 11 -0.71 -12.69 -17.17
C HIS B 11 -1.59 -12.02 -18.22
N ALA B 12 -2.35 -12.82 -18.94
CA ALA B 12 -3.12 -12.27 -20.05
C ALA B 12 -4.27 -11.38 -19.56
N VAL B 13 -4.72 -10.50 -20.45
CA VAL B 13 -5.85 -9.62 -20.16
C VAL B 13 -7.05 -10.42 -19.70
N GLU B 14 -7.35 -11.54 -20.36
CA GLU B 14 -8.51 -12.32 -19.97
C GLU B 14 -8.34 -12.95 -18.59
N ARG B 15 -7.12 -13.35 -18.23
CA ARG B 15 -6.90 -13.92 -16.90
C ARG B 15 -7.04 -12.85 -15.83
N LYS B 16 -6.58 -11.63 -16.12
CA LYS B 16 -6.71 -10.52 -15.19
C LYS B 16 -8.16 -10.14 -15.00
N ALA B 17 -8.95 -10.20 -16.07
CA ALA B 17 -10.37 -9.91 -15.94
C ALA B 17 -11.06 -10.99 -15.13
N SER B 18 -10.73 -12.26 -15.41
CA SER B 18 -11.27 -13.35 -14.63
C SER B 18 -10.88 -13.26 -13.15
N LEU B 19 -9.65 -12.82 -12.86
CA LEU B 19 -9.24 -12.69 -11.47
C LEU B 19 -10.02 -11.57 -10.78
N ILE B 20 -10.22 -10.45 -11.46
CA ILE B 20 -11.00 -9.35 -10.88
C ILE B 20 -12.43 -9.80 -10.61
N GLN B 21 -13.03 -10.54 -11.55
CA GLN B 21 -14.38 -11.05 -11.34
C GLN B 21 -14.42 -12.01 -10.15
N GLY B 22 -13.48 -12.95 -10.11
CA GLY B 22 -13.53 -13.97 -9.08
C GLY B 22 -13.19 -13.44 -7.69
N LEU B 23 -12.19 -12.54 -7.60
CA LEU B 23 -11.89 -11.98 -6.29
C LEU B 23 -13.02 -11.11 -5.79
N THR B 24 -13.76 -10.43 -6.68
CA THR B 24 -14.92 -9.66 -6.24
C THR B 24 -16.00 -10.57 -5.69
N GLN B 25 -16.27 -11.68 -6.42
CA GLN B 25 -17.26 -12.63 -5.95
C GLN B 25 -16.86 -13.22 -4.61
N ALA B 26 -15.57 -13.54 -4.42
CA ALA B 26 -15.13 -14.09 -3.16
C ALA B 26 -15.28 -13.08 -2.01
N THR B 27 -15.05 -11.80 -2.30
CA THR B 27 -15.19 -10.77 -1.26
C THR B 27 -16.64 -10.59 -0.87
N VAL B 28 -17.55 -10.53 -1.86
CA VAL B 28 -18.97 -10.42 -1.55
C VAL B 28 -19.42 -11.62 -0.73
N ASP B 29 -19.05 -12.84 -1.17
CA ASP B 29 -19.47 -14.03 -0.42
C ASP B 29 -18.93 -14.02 1.00
N ALA B 30 -17.65 -13.65 1.17
CA ALA B 30 -17.03 -13.83 2.48
C ALA B 30 -17.46 -12.78 3.47
N ILE B 31 -17.59 -11.52 3.06
CA ILE B 31 -17.86 -10.46 4.02
C ILE B 31 -19.11 -9.67 3.71
N GLY B 32 -19.74 -9.91 2.55
CA GLY B 32 -21.06 -9.32 2.34
C GLY B 32 -21.06 -7.88 1.92
N ALA B 33 -19.91 -7.33 1.55
CA ALA B 33 -19.91 -5.99 1.01
C ALA B 33 -20.63 -5.97 -0.36
N PRO B 34 -21.37 -4.92 -0.67
CA PRO B 34 -21.95 -4.81 -2.02
C PRO B 34 -20.86 -4.86 -3.08
N ALA B 35 -21.13 -5.59 -4.16
CA ALA B 35 -20.11 -5.76 -5.19
C ALA B 35 -19.58 -4.42 -5.69
N GLU B 36 -20.45 -3.42 -5.84
CA GLU B 36 -20.05 -2.15 -6.40
C GLU B 36 -18.98 -1.46 -5.57
N SER B 37 -18.89 -1.80 -4.29
CA SER B 37 -17.92 -1.18 -3.39
C SER B 37 -16.55 -1.85 -3.42
N VAL B 38 -16.42 -2.95 -4.14
CA VAL B 38 -15.17 -3.69 -4.19
C VAL B 38 -14.29 -3.14 -5.30
N ARG B 39 -13.16 -2.56 -4.90
CA ARG B 39 -12.16 -2.06 -5.83
C ARG B 39 -10.94 -2.97 -5.77
N ILE B 40 -10.38 -3.30 -6.93
CA ILE B 40 -9.20 -4.16 -7.02
C ILE B 40 -8.15 -3.47 -7.86
N LEU B 41 -6.93 -3.39 -7.35
CA LEU B 41 -5.78 -3.01 -8.17
C LEU B 41 -4.84 -4.19 -8.24
N LEU B 42 -4.55 -4.61 -9.44
CA LEU B 42 -3.50 -5.58 -9.69
C LEU B 42 -2.23 -4.76 -9.94
N SER B 43 -1.24 -5.01 -9.11
CA SER B 43 0.05 -4.31 -9.16
C SER B 43 1.09 -5.26 -9.73
N GLU B 44 1.30 -5.19 -11.04
CA GLU B 44 2.35 -6.00 -11.64
C GLU B 44 3.72 -5.41 -11.32
N LEU B 45 4.67 -6.29 -11.04
CA LEU B 45 6.04 -5.85 -10.78
C LEU B 45 6.97 -6.55 -11.76
N PRO B 46 7.99 -5.86 -12.23
CA PRO B 46 8.99 -6.53 -13.08
C PRO B 46 9.82 -7.49 -12.26
N ALA B 47 10.44 -8.45 -12.96
CA ALA B 47 11.22 -9.52 -12.33
C ALA B 47 12.36 -8.97 -11.48
N THR B 48 12.88 -7.80 -11.84
CA THR B 48 13.97 -7.14 -11.12
C THR B 48 13.57 -6.69 -9.73
N ASN B 49 12.26 -6.68 -9.42
CA ASN B 49 11.71 -5.99 -8.27
C ASN B 49 11.11 -6.94 -7.24
N ILE B 50 11.23 -8.25 -7.43
CA ILE B 50 10.46 -9.22 -6.62
C ILE B 50 11.41 -10.16 -5.90
N GLY B 51 11.40 -10.14 -4.58
CA GLY B 51 12.36 -10.90 -3.79
C GLY B 51 11.70 -11.88 -2.83
N LEU B 52 12.27 -13.08 -2.77
CA LEU B 52 11.92 -14.08 -1.76
C LEU B 52 13.24 -14.60 -1.20
N GLY B 53 13.38 -14.61 0.11
CA GLY B 53 14.61 -15.13 0.70
C GLY B 53 15.85 -14.36 0.30
N GLY B 54 15.70 -13.08 -0.06
CA GLY B 54 16.84 -12.29 -0.46
C GLY B 54 17.24 -12.40 -1.91
N THR B 55 16.59 -13.25 -2.70
CA THR B 55 16.94 -13.42 -4.12
C THR B 55 15.71 -13.14 -4.99
N LEU B 56 15.96 -12.86 -6.26
CA LEU B 56 14.89 -12.48 -7.18
C LEU B 56 14.13 -13.70 -7.65
N THR B 57 12.82 -13.69 -7.52
CA THR B 57 11.99 -14.74 -8.10
C THR B 57 10.51 -14.37 -8.05
N PRO B 58 9.75 -14.62 -9.12
CA PRO B 58 8.30 -14.38 -9.07
C PRO B 58 7.56 -15.26 -8.09
N SER B 59 8.19 -16.33 -7.60
CA SER B 59 7.53 -17.21 -6.66
C SER B 59 7.29 -16.56 -5.30
N ALA B 60 7.78 -15.33 -5.07
CA ALA B 60 7.35 -14.58 -3.88
C ALA B 60 5.87 -14.24 -3.90
N LEU B 61 5.23 -14.25 -5.08
CA LEU B 61 3.89 -13.72 -5.26
C LEU B 61 2.93 -14.88 -5.51
N PRO B 62 1.61 -14.67 -5.35
CA PRO B 62 0.90 -13.41 -5.09
C PRO B 62 0.74 -13.06 -3.64
N VAL B 63 0.79 -11.76 -3.39
CA VAL B 63 0.49 -11.18 -2.09
C VAL B 63 -0.72 -10.29 -2.28
N ILE B 64 -1.74 -10.46 -1.44
CA ILE B 64 -2.95 -9.65 -1.49
C ILE B 64 -3.03 -8.83 -0.22
N ILE B 65 -3.22 -7.52 -0.36
CA ILE B 65 -3.53 -6.62 0.75
C ILE B 65 -5.00 -6.26 0.64
N ALA B 66 -5.77 -6.53 1.68
CA ALA B 66 -7.20 -6.23 1.69
C ALA B 66 -7.46 -5.17 2.73
N ILE B 67 -7.93 -4.01 2.31
CA ILE B 67 -8.20 -2.90 3.21
C ILE B 67 -9.71 -2.79 3.41
N LEU B 68 -10.14 -2.95 4.66
CA LEU B 68 -11.55 -3.01 5.03
C LEU B 68 -11.86 -1.92 6.04
N ILE B 69 -13.08 -1.37 6.00
CA ILE B 69 -13.55 -0.58 7.14
C ILE B 69 -13.59 -1.50 8.36
N ALA B 70 -13.24 -0.95 9.53
CA ALA B 70 -13.23 -1.75 10.74
C ALA B 70 -14.59 -2.34 11.06
N GLY B 71 -14.56 -3.46 11.76
CA GLY B 71 -15.78 -4.05 12.28
C GLY B 71 -16.10 -5.41 11.71
N ARG B 72 -15.33 -5.92 10.76
CA ARG B 72 -15.61 -7.27 10.28
C ARG B 72 -15.23 -8.24 11.38
N THR B 73 -16.02 -9.30 11.53
CA THR B 73 -15.73 -10.27 12.59
C THR B 73 -14.54 -11.14 12.23
N ASP B 74 -14.01 -11.80 13.26
CA ASP B 74 -12.93 -12.74 13.03
C ASP B 74 -13.33 -13.81 12.02
N ALA B 75 -14.58 -14.29 12.11
CA ALA B 75 -15.04 -15.31 11.18
C ALA B 75 -15.11 -14.77 9.76
N GLN B 76 -15.58 -13.54 9.59
CA GLN B 76 -15.61 -12.97 8.25
C GLN B 76 -14.21 -12.84 7.66
N LYS B 77 -13.24 -12.43 8.47
CA LYS B 77 -11.88 -12.27 7.98
C LYS B 77 -11.26 -13.62 7.62
N LYS B 78 -11.53 -14.62 8.46
CA LYS B 78 -11.06 -15.96 8.16
C LYS B 78 -11.62 -16.45 6.82
N ALA B 79 -12.92 -16.19 6.57
CA ALA B 79 -13.54 -16.58 5.32
C ALA B 79 -12.95 -15.80 4.15
N LEU B 80 -12.71 -14.51 4.33
CA LEU B 80 -12.11 -13.71 3.27
C LEU B 80 -10.74 -14.25 2.90
N ILE B 81 -9.91 -14.55 3.90
CA ILE B 81 -8.58 -15.09 3.63
C ILE B 81 -8.68 -16.41 2.87
N ALA B 82 -9.59 -17.29 3.30
CA ALA B 82 -9.73 -18.57 2.62
C ALA B 82 -10.20 -18.37 1.19
N GLN B 83 -11.26 -17.58 1.00
CA GLN B 83 -11.87 -17.52 -0.32
C GLN B 83 -11.02 -16.72 -1.31
N LEU B 84 -10.39 -15.62 -0.87
CA LEU B 84 -9.49 -14.93 -1.79
C LEU B 84 -8.33 -15.83 -2.21
N SER B 85 -7.81 -16.62 -1.27
CA SER B 85 -6.65 -17.45 -1.58
C SER B 85 -7.02 -18.58 -2.53
N GLU B 86 -8.15 -19.25 -2.27
CA GLU B 86 -8.62 -20.31 -3.17
C GLU B 86 -8.87 -19.77 -4.56
N THR B 87 -9.41 -18.55 -4.65
CA THR B 87 -9.76 -17.99 -5.94
C THR B 87 -8.52 -17.67 -6.74
N ILE B 88 -7.51 -17.01 -6.12
CA ILE B 88 -6.34 -16.68 -6.91
C ILE B 88 -5.54 -17.93 -7.25
N ALA B 89 -5.53 -18.91 -6.36
CA ALA B 89 -4.82 -20.14 -6.67
C ALA B 89 -5.43 -20.82 -7.89
N ALA B 90 -6.77 -20.82 -7.99
CA ALA B 90 -7.44 -21.43 -9.13
C ALA B 90 -7.26 -20.60 -10.41
N VAL B 91 -7.54 -19.29 -10.35
CA VAL B 91 -7.57 -18.46 -11.56
C VAL B 91 -6.19 -18.34 -12.18
N LEU B 92 -5.18 -18.15 -11.34
CA LEU B 92 -3.82 -17.95 -11.84
C LEU B 92 -2.98 -19.21 -11.81
N ASP B 93 -3.54 -20.33 -11.34
CA ASP B 93 -2.78 -21.58 -11.26
C ASP B 93 -1.53 -21.38 -10.39
N ALA B 94 -1.70 -20.76 -9.31
CA ALA B 94 -0.67 -20.54 -8.33
C ALA B 94 -0.85 -21.50 -7.17
N PRO B 95 0.21 -22.03 -6.60
CA PRO B 95 0.02 -22.94 -5.46
C PRO B 95 -0.61 -22.20 -4.30
N LEU B 96 -1.59 -22.85 -3.68
CA LEU B 96 -2.27 -22.27 -2.55
C LEU B 96 -1.27 -21.85 -1.48
N GLN B 97 -0.23 -22.66 -1.26
CA GLN B 97 0.70 -22.31 -0.18
C GLN B 97 1.65 -21.18 -0.55
N SER B 98 1.58 -20.66 -1.76
CA SER B 98 2.36 -19.47 -2.11
C SER B 98 1.55 -18.20 -1.99
N THR B 99 0.30 -18.27 -1.56
CA THR B 99 -0.57 -17.10 -1.52
C THR B 99 -0.64 -16.51 -0.12
N ARG B 100 -0.48 -15.19 -0.03
CA ARG B 100 -0.55 -14.46 1.23
C ARG B 100 -1.66 -13.44 1.15
N VAL B 101 -2.36 -13.27 2.28
CA VAL B 101 -3.39 -12.25 2.40
C VAL B 101 -3.12 -11.46 3.68
N MET B 102 -3.12 -10.13 3.58
CA MET B 102 -2.90 -9.29 4.75
C MET B 102 -4.05 -8.30 4.80
N ILE B 103 -4.79 -8.30 5.90
CA ILE B 103 -5.93 -7.40 6.09
C ILE B 103 -5.53 -6.20 6.94
N LYS B 104 -5.92 -5.01 6.47
CA LYS B 104 -5.83 -3.76 7.24
C LYS B 104 -7.24 -3.30 7.54
N ASP B 105 -7.50 -3.00 8.80
CA ASP B 105 -8.77 -2.44 9.27
C ASP B 105 -8.64 -0.93 9.41
N ILE B 106 -9.59 -0.20 8.86
CA ILE B 106 -9.59 1.26 8.91
C ILE B 106 -10.74 1.72 9.79
N PRO B 107 -10.49 2.38 10.91
CA PRO B 107 -11.60 2.91 11.72
C PRO B 107 -12.54 3.79 10.90
N ASN B 108 -13.81 3.81 11.33
CA ASN B 108 -14.82 4.55 10.56
C ASN B 108 -14.64 6.06 10.63
N THR B 109 -13.85 6.58 11.58
CA THR B 109 -13.48 7.99 11.58
C THR B 109 -12.35 8.27 10.61
N ASP B 110 -11.72 7.22 10.08
CA ASP B 110 -10.51 7.29 9.31
C ASP B 110 -10.74 6.90 7.87
N PHE B 111 -11.98 6.72 7.46
CA PHE B 111 -12.33 6.20 6.14
C PHE B 111 -13.23 7.24 5.50
N GLY B 112 -12.87 7.69 4.30
CA GLY B 112 -13.63 8.70 3.58
C GLY B 112 -14.35 8.12 2.39
N ILE B 113 -15.62 8.44 2.29
CA ILE B 113 -16.46 8.03 1.18
C ILE B 113 -17.03 9.32 0.61
N GLY B 114 -16.54 9.74 -0.56
CA GLY B 114 -17.09 10.91 -1.21
C GLY B 114 -16.93 12.19 -0.42
N GLY B 115 -15.88 12.27 0.38
CA GLY B 115 -15.58 13.46 1.15
C GLY B 115 -16.21 13.48 2.51
N GLN B 116 -16.96 12.46 2.90
CA GLN B 116 -17.52 12.39 4.25
C GLN B 116 -16.99 11.14 4.92
N THR B 117 -16.94 11.15 6.25
CA THR B 117 -16.42 9.97 6.94
C THR B 117 -17.44 8.85 6.97
N ALA B 118 -16.92 7.63 7.03
CA ALA B 118 -17.81 6.48 7.14
C ALA B 118 -18.69 6.59 8.38
N ARG B 119 -18.14 7.09 9.49
CA ARG B 119 -18.97 7.23 10.69
C ARG B 119 -20.08 8.26 10.46
N ALA B 120 -19.78 9.36 9.76
CA ALA B 120 -20.82 10.33 9.44
C ALA B 120 -21.95 9.67 8.68
N LEU B 121 -21.61 8.73 7.81
CA LEU B 121 -22.57 8.06 6.94
C LEU B 121 -23.18 6.83 7.59
N GLY B 122 -22.87 6.52 8.83
CA GLY B 122 -23.54 5.40 9.49
C GLY B 122 -22.85 4.06 9.31
N ARG B 123 -21.58 4.06 8.90
CA ARG B 123 -20.83 2.84 8.73
C ARG B 123 -19.71 2.76 9.76
N PRO C 1 13.44 6.90 -0.08
CA PRO C 1 12.80 5.57 -0.14
C PRO C 1 11.82 5.45 1.00
N THR C 2 10.70 4.79 0.74
CA THR C 2 9.65 4.66 1.73
C THR C 2 9.33 3.19 1.84
N LEU C 3 9.56 2.60 3.01
CA LEU C 3 9.39 1.16 3.17
C LEU C 3 8.21 0.89 4.09
N GLU C 4 7.25 0.11 3.62
CA GLU C 4 6.16 -0.36 4.46
C GLU C 4 6.50 -1.78 4.86
N VAL C 5 6.52 -2.06 6.16
CA VAL C 5 6.89 -3.37 6.66
C VAL C 5 5.67 -3.98 7.32
N TYR C 6 5.26 -5.13 6.83
CA TYR C 6 4.16 -5.88 7.45
C TYR C 6 4.73 -6.92 8.40
N LEU C 7 4.37 -6.82 9.67
CA LEU C 7 4.90 -7.72 10.68
C LEU C 7 3.80 -8.02 11.68
N PRO C 8 3.92 -9.11 12.42
CA PRO C 8 2.91 -9.43 13.43
C PRO C 8 3.03 -8.46 14.59
N GLN C 9 2.01 -8.48 15.44
CA GLN C 9 2.09 -7.75 16.69
C GLN C 9 3.00 -8.48 17.67
N GLY C 10 3.46 -7.76 18.69
CA GLY C 10 4.17 -8.38 19.80
C GLY C 10 5.68 -8.23 19.81
N HIS C 11 6.31 -7.67 18.78
CA HIS C 11 7.75 -7.42 18.87
C HIS C 11 8.02 -6.26 19.80
N ALA C 12 9.07 -6.40 20.62
CA ALA C 12 9.34 -5.37 21.59
C ALA C 12 9.68 -4.05 20.90
N VAL C 13 9.44 -2.96 21.63
CA VAL C 13 9.69 -1.62 21.10
C VAL C 13 11.13 -1.47 20.64
N GLU C 14 12.08 -2.00 21.40
CA GLU C 14 13.48 -1.85 21.01
C GLU C 14 13.81 -2.66 19.78
N ARG C 15 13.12 -3.78 19.56
CA ARG C 15 13.32 -4.54 18.34
C ARG C 15 12.77 -3.79 17.14
N LYS C 16 11.63 -3.12 17.32
CA LYS C 16 11.10 -2.30 16.24
C LYS C 16 12.03 -1.13 15.95
N ALA C 17 12.61 -0.51 16.99
CA ALA C 17 13.54 0.59 16.73
C ALA C 17 14.79 0.08 16.02
N SER C 18 15.30 -1.09 16.42
CA SER C 18 16.44 -1.68 15.76
C SER C 18 16.11 -2.02 14.30
N LEU C 19 14.88 -2.48 14.04
CA LEU C 19 14.50 -2.73 12.66
C LEU C 19 14.49 -1.46 11.83
N ILE C 20 13.97 -0.37 12.38
CA ILE C 20 13.94 0.90 11.67
C ILE C 20 15.36 1.37 11.38
N GLN C 21 16.24 1.25 12.39
CA GLN C 21 17.63 1.65 12.15
C GLN C 21 18.29 0.77 11.10
N GLY C 22 18.12 -0.55 11.21
CA GLY C 22 18.82 -1.45 10.31
C GLY C 22 18.30 -1.39 8.89
N LEU C 23 16.97 -1.29 8.70
CA LEU C 23 16.47 -1.16 7.35
C LEU C 23 16.91 0.14 6.73
N THR C 24 17.04 1.21 7.53
CA THR C 24 17.55 2.46 6.98
C THR C 24 19.00 2.29 6.51
N GLN C 25 19.85 1.74 7.38
CA GLN C 25 21.24 1.50 7.02
C GLN C 25 21.35 0.61 5.78
N ALA C 26 20.50 -0.42 5.68
CA ALA C 26 20.56 -1.31 4.51
C ALA C 26 20.19 -0.57 3.23
N THR C 27 19.20 0.33 3.32
CA THR C 27 18.78 1.10 2.14
C THR C 27 19.89 2.04 1.70
N VAL C 28 20.53 2.74 2.66
CA VAL C 28 21.65 3.61 2.36
C VAL C 28 22.75 2.82 1.68
N ASP C 29 23.12 1.67 2.27
CA ASP C 29 24.22 0.88 1.72
C ASP C 29 23.87 0.37 0.33
N ALA C 30 22.63 -0.11 0.15
CA ALA C 30 22.30 -0.81 -1.08
C ALA C 30 22.08 0.13 -2.26
N ILE C 31 21.44 1.27 -2.06
CA ILE C 31 21.09 2.14 -3.18
C ILE C 31 21.62 3.55 -3.02
N GLY C 32 22.23 3.87 -1.87
CA GLY C 32 22.90 5.16 -1.75
C GLY C 32 21.98 6.32 -1.53
N ALA C 33 20.75 6.08 -1.14
CA ALA C 33 19.90 7.20 -0.76
C ALA C 33 20.41 7.79 0.55
N PRO C 34 20.36 9.10 0.75
CA PRO C 34 20.74 9.64 2.04
C PRO C 34 19.79 9.15 3.13
N ALA C 35 20.34 8.85 4.31
CA ALA C 35 19.52 8.34 5.39
C ALA C 35 18.30 9.21 5.68
N GLU C 36 18.46 10.54 5.60
CA GLU C 36 17.38 11.45 5.93
C GLU C 36 16.24 11.39 4.91
N SER C 37 16.41 10.68 3.80
CA SER C 37 15.35 10.49 2.84
C SER C 37 14.61 9.17 3.05
N VAL C 38 15.04 8.32 3.99
CA VAL C 38 14.47 6.99 4.17
C VAL C 38 13.42 7.01 5.27
N ARG C 39 12.19 6.68 4.87
CA ARG C 39 11.06 6.53 5.79
C ARG C 39 10.75 5.06 5.97
N ILE C 40 10.63 4.64 7.22
CA ILE C 40 10.26 3.25 7.54
C ILE C 40 8.95 3.27 8.28
N LEU C 41 7.97 2.53 7.76
CA LEU C 41 6.61 2.54 8.32
C LEU C 41 6.25 1.10 8.68
N LEU C 42 6.18 0.81 9.97
CA LEU C 42 5.89 -0.56 10.40
C LEU C 42 4.38 -0.72 10.63
N SER C 43 3.75 -1.63 9.89
CA SER C 43 2.34 -1.95 10.06
C SER C 43 2.23 -3.29 10.76
N GLU C 44 1.84 -3.26 12.02
CA GLU C 44 1.64 -4.49 12.77
C GLU C 44 0.24 -5.01 12.53
N LEU C 45 0.14 -6.28 12.16
CA LEU C 45 -1.16 -6.90 11.88
C LEU C 45 -1.55 -7.85 12.99
N PRO C 46 -2.79 -7.82 13.48
CA PRO C 46 -3.23 -8.86 14.42
C PRO C 46 -3.37 -10.19 13.72
N ALA C 47 -3.32 -11.26 14.52
CA ALA C 47 -3.33 -12.61 13.95
C ALA C 47 -4.62 -12.93 13.20
N THR C 48 -5.71 -12.23 13.52
CA THR C 48 -6.96 -12.39 12.79
C THR C 48 -6.86 -11.93 11.34
N ASN C 49 -5.80 -11.21 10.99
CA ASN C 49 -5.68 -10.49 9.72
C ASN C 49 -4.60 -11.03 8.80
N ILE C 50 -3.99 -12.17 9.11
CA ILE C 50 -2.79 -12.62 8.40
C ILE C 50 -3.01 -14.03 7.88
N GLY C 51 -2.90 -14.20 6.58
CA GLY C 51 -3.15 -15.49 5.95
C GLY C 51 -2.02 -15.99 5.07
N LEU C 52 -1.80 -17.31 5.14
CA LEU C 52 -0.92 -18.00 4.21
C LEU C 52 -1.61 -19.30 3.80
N GLY C 53 -1.65 -19.56 2.51
CA GLY C 53 -2.32 -20.77 2.06
C GLY C 53 -3.79 -20.79 2.39
N GLY C 54 -4.42 -19.63 2.56
CA GLY C 54 -5.82 -19.61 2.89
C GLY C 54 -6.12 -19.84 4.36
N THR C 55 -5.10 -19.96 5.19
CA THR C 55 -5.25 -20.25 6.61
C THR C 55 -4.64 -19.11 7.41
N LEU C 56 -5.12 -18.93 8.63
CA LEU C 56 -4.56 -17.91 9.52
C LEU C 56 -3.22 -18.39 10.07
N THR C 57 -2.15 -17.63 9.78
CA THR C 57 -0.86 -17.93 10.40
C THR C 57 0.04 -16.72 10.28
N PRO C 58 0.81 -16.37 11.31
CA PRO C 58 1.83 -15.31 11.16
C PRO C 58 2.99 -15.71 10.25
N SER C 59 3.07 -16.97 9.81
CA SER C 59 4.15 -17.39 8.91
C SER C 59 4.11 -16.71 7.57
N ALA C 60 3.01 -16.04 7.24
CA ALA C 60 2.96 -15.27 6.01
C ALA C 60 3.96 -14.12 6.01
N LEU C 61 4.39 -13.67 7.18
CA LEU C 61 5.19 -12.47 7.32
C LEU C 61 6.65 -12.82 7.59
N PRO C 62 7.58 -11.88 7.41
CA PRO C 62 7.40 -10.46 7.04
C PRO C 62 7.44 -10.17 5.56
N VAL C 63 6.75 -9.07 5.22
CA VAL C 63 6.73 -8.56 3.85
C VAL C 63 7.15 -7.10 3.91
N ILE C 64 8.06 -6.68 3.02
CA ILE C 64 8.45 -5.28 2.89
C ILE C 64 8.08 -4.82 1.50
N ILE C 65 7.39 -3.67 1.43
CA ILE C 65 7.17 -2.94 0.18
C ILE C 65 8.08 -1.74 0.19
N ALA C 66 8.99 -1.66 -0.78
CA ALA C 66 9.92 -0.55 -0.87
C ALA C 66 9.50 0.33 -2.05
N ILE C 67 9.10 1.54 -1.77
CA ILE C 67 8.64 2.51 -2.78
C ILE C 67 9.80 3.43 -3.11
N LEU C 68 10.23 3.40 -4.38
CA LEU C 68 11.38 4.18 -4.82
C LEU C 68 10.98 5.08 -5.98
N ILE C 69 11.61 6.26 -6.08
CA ILE C 69 11.55 6.98 -7.33
C ILE C 69 12.21 6.10 -8.38
N ALA C 70 11.60 6.03 -9.56
CA ALA C 70 12.12 5.20 -10.64
C ALA C 70 13.55 5.60 -11.00
N GLY C 71 14.29 4.64 -11.53
CA GLY C 71 15.61 4.90 -12.07
C GLY C 71 16.72 4.11 -11.45
N ARG C 72 16.49 3.36 -10.38
CA ARG C 72 17.57 2.54 -9.84
C ARG C 72 17.92 1.43 -10.81
N THR C 73 19.18 1.04 -10.81
CA THR C 73 19.60 0.01 -11.73
C THR C 73 19.17 -1.36 -11.22
N ASP C 74 19.17 -2.34 -12.12
CA ASP C 74 18.81 -3.69 -11.69
C ASP C 74 19.73 -4.17 -10.58
N ALA C 75 21.02 -3.82 -10.67
CA ALA C 75 21.96 -4.26 -9.64
C ALA C 75 21.64 -3.62 -8.30
N GLN C 76 21.27 -2.33 -8.31
CA GLN C 76 20.89 -1.68 -7.06
C GLN C 76 19.67 -2.35 -6.45
N LYS C 77 18.68 -2.68 -7.29
CA LYS C 77 17.46 -3.31 -6.76
C LYS C 77 17.76 -4.68 -6.20
N LYS C 78 18.62 -5.45 -6.87
CA LYS C 78 19.03 -6.74 -6.36
C LYS C 78 19.71 -6.61 -5.01
N ALA C 79 20.59 -5.63 -4.86
CA ALA C 79 21.27 -5.41 -3.59
C ALA C 79 20.29 -5.00 -2.50
N LEU C 80 19.33 -4.13 -2.85
CA LEU C 80 18.33 -3.70 -1.87
C LEU C 80 17.51 -4.88 -1.38
N ILE C 81 17.07 -5.74 -2.29
CA ILE C 81 16.32 -6.94 -1.89
C ILE C 81 17.16 -7.82 -0.98
N ALA C 82 18.43 -8.02 -1.34
CA ALA C 82 19.27 -8.87 -0.50
C ALA C 82 19.48 -8.28 0.89
N GLN C 83 19.85 -7.02 0.96
CA GLN C 83 20.24 -6.44 2.24
C GLN C 83 19.02 -6.20 3.14
N LEU C 84 17.89 -5.76 2.58
CA LEU C 84 16.69 -5.61 3.41
C LEU C 84 16.24 -6.94 3.95
N SER C 85 16.33 -7.98 3.13
CA SER C 85 15.92 -9.31 3.57
C SER C 85 16.80 -9.83 4.68
N GLU C 86 18.12 -9.72 4.51
CA GLU C 86 19.02 -10.18 5.56
C GLU C 86 18.77 -9.39 6.84
N THR C 87 18.54 -8.09 6.72
CA THR C 87 18.38 -7.28 7.91
C THR C 87 17.11 -7.65 8.67
N ILE C 88 15.97 -7.72 7.98
CA ILE C 88 14.75 -8.02 8.74
C ILE C 88 14.80 -9.42 9.33
N ALA C 89 15.37 -10.40 8.60
CA ALA C 89 15.51 -11.74 9.16
C ALA C 89 16.33 -11.72 10.44
N ALA C 90 17.47 -11.01 10.42
CA ALA C 90 18.30 -10.94 11.61
C ALA C 90 17.60 -10.22 12.76
N VAL C 91 17.03 -9.05 12.50
CA VAL C 91 16.51 -8.23 13.60
C VAL C 91 15.28 -8.89 14.23
N LEU C 92 14.40 -9.47 13.43
CA LEU C 92 13.17 -10.06 13.94
C LEU C 92 13.33 -11.53 14.28
N ASP C 93 14.50 -12.14 14.03
CA ASP C 93 14.64 -13.58 14.19
C ASP C 93 13.62 -14.34 13.35
N ALA C 94 13.46 -13.90 12.11
CA ALA C 94 12.53 -14.51 11.20
C ALA C 94 13.31 -15.27 10.14
N PRO C 95 12.75 -16.33 9.55
CA PRO C 95 13.53 -17.07 8.54
C PRO C 95 13.77 -16.22 7.31
N LEU C 96 15.01 -16.24 6.82
CA LEU C 96 15.27 -15.55 5.56
C LEU C 96 14.33 -16.07 4.45
N GLN C 97 14.10 -17.38 4.40
CA GLN C 97 13.24 -17.98 3.37
C GLN C 97 11.77 -17.57 3.47
N SER C 98 11.35 -16.94 4.55
CA SER C 98 9.98 -16.46 4.72
C SER C 98 9.85 -14.99 4.38
N THR C 99 10.95 -14.35 4.02
CA THR C 99 10.97 -12.90 3.89
C THR C 99 10.75 -12.51 2.44
N ARG C 100 9.79 -11.62 2.21
CA ARG C 100 9.49 -11.12 0.88
C ARG C 100 9.76 -9.63 0.84
N VAL C 101 10.37 -9.20 -0.26
CA VAL C 101 10.60 -7.77 -0.50
C VAL C 101 10.14 -7.47 -1.91
N MET C 102 9.24 -6.49 -2.05
CA MET C 102 8.75 -6.03 -3.33
C MET C 102 9.12 -4.56 -3.51
N ILE C 103 9.73 -4.23 -4.64
CA ILE C 103 10.06 -2.84 -4.97
C ILE C 103 9.01 -2.34 -5.93
N LYS C 104 8.47 -1.15 -5.63
CA LYS C 104 7.58 -0.45 -6.53
C LYS C 104 8.27 0.83 -6.97
N ASP C 105 8.48 0.97 -8.27
CA ASP C 105 9.05 2.18 -8.86
C ASP C 105 7.95 3.19 -9.13
N ILE C 106 8.19 4.43 -8.77
CA ILE C 106 7.25 5.52 -9.03
C ILE C 106 7.90 6.44 -10.05
N PRO C 107 7.33 6.60 -11.24
CA PRO C 107 7.89 7.56 -12.21
C PRO C 107 8.08 8.94 -11.59
N ASN C 108 9.09 9.68 -12.06
CA ASN C 108 9.40 10.99 -11.46
C ASN C 108 8.31 12.04 -11.68
N THR C 109 7.41 11.83 -12.63
CA THR C 109 6.21 12.64 -12.82
C THR C 109 5.11 12.34 -11.81
N ASP C 110 5.23 11.23 -11.07
CA ASP C 110 4.18 10.68 -10.24
C ASP C 110 4.57 10.73 -8.76
N PHE C 111 5.73 11.31 -8.43
CA PHE C 111 6.24 11.33 -7.08
C PHE C 111 6.36 12.76 -6.62
N GLY C 112 5.83 13.08 -5.44
CA GLY C 112 5.81 14.43 -4.91
C GLY C 112 6.65 14.56 -3.67
N ILE C 113 7.47 15.61 -3.65
CA ILE C 113 8.26 16.02 -2.50
C ILE C 113 7.91 17.47 -2.22
N GLY C 114 7.30 17.74 -1.07
CA GLY C 114 6.93 19.11 -0.74
C GLY C 114 6.01 19.74 -1.75
N GLY C 115 5.16 18.96 -2.39
CA GLY C 115 4.26 19.49 -3.39
C GLY C 115 4.84 19.64 -4.78
N GLN C 116 6.11 19.33 -4.98
CA GLN C 116 6.72 19.38 -6.29
C GLN C 116 7.01 17.98 -6.81
N THR C 117 6.96 17.81 -8.13
CA THR C 117 7.31 16.51 -8.68
C THR C 117 8.81 16.25 -8.56
N ALA C 118 9.16 14.97 -8.43
CA ALA C 118 10.57 14.61 -8.43
C ALA C 118 11.22 15.05 -9.73
N ARG C 119 10.47 15.00 -10.83
CA ARG C 119 11.03 15.43 -12.10
C ARG C 119 11.42 16.89 -12.06
N ALA C 120 10.53 17.74 -11.52
CA ALA C 120 10.82 19.18 -11.45
C ALA C 120 12.01 19.47 -10.55
N LEU C 121 12.26 18.61 -9.57
CA LEU C 121 13.39 18.76 -8.67
C LEU C 121 14.65 18.09 -9.20
N GLY C 122 14.62 17.59 -10.44
CA GLY C 122 15.80 17.00 -11.04
C GLY C 122 16.09 15.57 -10.63
N ARG C 123 15.07 14.86 -10.15
CA ARG C 123 15.22 13.45 -9.81
C ARG C 123 14.45 12.56 -10.78
C1 GOL D . 12.89 11.90 -0.83
O1 GOL D . 13.05 12.52 0.44
C2 GOL D . 12.34 10.48 -0.65
O2 GOL D . 10.99 10.60 -0.21
C3 GOL D . 12.38 9.74 -1.97
O3 GOL D . 12.01 8.36 -1.79
C1 GOL E . -12.87 4.97 -10.50
O1 GOL E . -13.26 6.05 -9.70
C2 GOL E . -11.77 4.27 -9.74
O2 GOL E . -12.23 4.10 -8.43
C3 GOL E . -10.61 5.22 -9.78
O3 GOL E . -10.41 5.12 -8.47
#